data_3AGK
#
_entry.id   3AGK
#
_cell.length_a   65.443
_cell.length_b   80.430
_cell.length_c   87.873
_cell.angle_alpha   90.00
_cell.angle_beta   90.00
_cell.angle_gamma   90.00
#
_symmetry.space_group_name_H-M   'P 21 21 21'
#
loop_
_entity.id
_entity.type
_entity.pdbx_description
1 polymer 'Peptide chain release factor subunit 1'
2 water water
#
_entity_poly.entity_id   1
_entity_poly.type   'polypeptide(L)'
_entity_poly.pdbx_seq_one_letter_code
;MSQGRLEERLTISKRELARLLKELKKWSAPATVLLSLYIPPGRPLSDVMTLLRQEYSITDNIKLKRTRQAVKRALSAAMD
RLQMLTSTPPNGLVLFCGEDMSTGKFECFMFSPPEPIRVFYYRTDKRFITDFLEDMVEDNNAIGIIIVERDQATIGLLKG
ARLEVLKELEGFVPGKHKMGGQSQRRYERIIEQMVDEFFKKVGEEASNLLVPLAEKGVLKGVIVAGPGLAKQEFVEGNYL
DYRLKKILAPELVDVAYQGLQGLKEAVMKAEKVVEAQMYRDAVNAMEEFKLHLAKGTGMIVYGEKDVEAALEMGAVKTLL
IHESREDLEEWVEKAKSSGAQVIVVPESLAEAEWFLKTFGGLAGILRFRISTV
;
_entity_poly.pdbx_strand_id   A
#
# COMPACT_ATOMS: atom_id res chain seq x y z
N GLU A 7 -14.40 18.35 -20.15
CA GLU A 7 -13.25 19.17 -20.55
C GLU A 7 -11.91 18.62 -20.04
N GLU A 8 -10.91 18.65 -20.91
CA GLU A 8 -9.58 18.17 -20.58
C GLU A 8 -8.91 18.94 -19.43
N ARG A 9 -9.46 20.10 -19.05
CA ARG A 9 -8.88 20.91 -17.99
C ARG A 9 -9.07 20.30 -16.61
N LEU A 10 -10.01 19.36 -16.48
CA LEU A 10 -10.27 18.67 -15.22
C LEU A 10 -9.18 17.65 -14.84
N THR A 11 -8.30 17.32 -15.79
CA THR A 11 -7.32 16.25 -15.56
C THR A 11 -6.22 16.62 -14.56
N ILE A 12 -5.86 15.68 -13.70
CA ILE A 12 -4.80 15.87 -12.72
C ILE A 12 -3.77 14.77 -12.88
N SER A 13 -2.54 15.05 -12.47
CA SER A 13 -1.45 14.09 -12.60
C SER A 13 -1.53 13.06 -11.49
N LYS A 14 -0.68 12.04 -11.58
CA LYS A 14 -0.52 11.07 -10.50
C LYS A 14 0.04 11.71 -9.24
N ARG A 15 0.84 12.77 -9.41
CA ARG A 15 1.40 13.45 -8.25
C ARG A 15 0.31 14.17 -7.45
N GLU A 16 -0.61 14.83 -8.14
CA GLU A 16 -1.72 15.47 -7.44
C GLU A 16 -2.78 14.45 -6.99
N LEU A 17 -3.00 13.41 -7.78
CA LEU A 17 -3.98 12.39 -7.42
C LEU A 17 -3.69 11.81 -6.04
N ALA A 18 -2.40 11.56 -5.77
CA ALA A 18 -1.97 10.96 -4.51
C ALA A 18 -2.15 11.90 -3.32
N ARG A 19 -1.75 13.16 -3.52
CA ARG A 19 -2.00 14.18 -2.52
C ARG A 19 -3.47 14.17 -2.11
N LEU A 20 -4.34 14.17 -3.12
CA LEU A 20 -5.79 14.16 -2.93
C LEU A 20 -6.21 12.88 -2.22
N LEU A 21 -5.62 11.77 -2.66
CA LEU A 21 -5.92 10.45 -2.09
C LEU A 21 -5.70 10.41 -0.59
N LYS A 22 -4.62 11.02 -0.13
CA LYS A 22 -4.31 11.05 1.29
C LYS A 22 -5.41 11.75 2.08
N GLU A 23 -6.15 12.64 1.43
CA GLU A 23 -7.18 13.38 2.12
C GLU A 23 -8.57 12.83 1.84
N LEU A 24 -8.74 12.21 0.67
CA LEU A 24 -9.97 11.46 0.42
C LEU A 24 -10.05 10.30 1.42
N LYS A 25 -8.94 9.60 1.61
CA LYS A 25 -8.92 8.47 2.55
C LYS A 25 -9.32 8.88 3.96
N LYS A 26 -9.18 10.16 4.28
CA LYS A 26 -9.58 10.69 5.58
C LYS A 26 -11.09 10.67 5.82
N TRP A 27 -11.89 10.69 4.76
CA TRP A 27 -13.33 10.86 4.91
C TRP A 27 -14.09 9.66 5.47
N SER A 28 -14.97 9.93 6.43
CA SER A 28 -15.82 8.89 7.01
C SER A 28 -17.18 9.42 7.46
N ALA A 29 -18.15 8.52 7.61
CA ALA A 29 -19.50 8.88 8.09
C ALA A 29 -20.21 7.69 8.75
N PRO A 30 -21.07 7.95 9.75
CA PRO A 30 -21.81 6.92 10.47
C PRO A 30 -22.67 6.03 9.56
N ALA A 31 -23.50 6.63 8.71
CA ALA A 31 -24.32 5.88 7.78
C ALA A 31 -23.71 5.91 6.38
N THR A 32 -24.21 5.07 5.49
CA THR A 32 -23.66 5.01 4.14
C THR A 32 -24.16 6.18 3.32
N VAL A 33 -23.50 7.33 3.46
CA VAL A 33 -23.97 8.57 2.87
C VAL A 33 -22.87 9.40 2.18
N LEU A 34 -21.77 8.75 1.82
CA LEU A 34 -20.71 9.40 1.04
C LEU A 34 -20.66 8.82 -0.37
N LEU A 35 -20.90 9.68 -1.35
CA LEU A 35 -21.04 9.27 -2.74
C LEU A 35 -19.72 9.11 -3.48
N SER A 36 -19.60 7.99 -4.20
CA SER A 36 -18.45 7.76 -5.07
C SER A 36 -18.98 7.48 -6.49
N LEU A 37 -18.46 8.19 -7.49
CA LEU A 37 -18.97 8.06 -8.85
C LEU A 37 -17.88 8.15 -9.94
N TYR A 38 -17.71 7.07 -10.70
CA TYR A 38 -16.69 7.01 -11.74
C TYR A 38 -17.36 6.86 -13.12
N ILE A 39 -17.00 7.73 -14.05
CA ILE A 39 -17.64 7.72 -15.37
C ILE A 39 -16.63 7.55 -16.51
N PRO A 40 -16.70 6.41 -17.21
CA PRO A 40 -15.76 6.17 -18.31
C PRO A 40 -16.00 7.12 -19.48
N PRO A 41 -15.00 7.26 -20.36
CA PRO A 41 -15.17 8.14 -21.52
C PRO A 41 -16.29 7.63 -22.44
N GLY A 42 -16.42 6.32 -22.56
CA GLY A 42 -17.49 5.78 -23.38
C GLY A 42 -18.91 6.11 -22.92
N ARG A 43 -19.04 6.67 -21.72
CA ARG A 43 -20.36 6.79 -21.09
C ARG A 43 -20.98 8.20 -21.13
N PRO A 44 -22.01 8.37 -21.96
CA PRO A 44 -22.73 9.67 -22.09
C PRO A 44 -23.31 10.17 -20.77
N LEU A 45 -23.08 11.45 -20.47
CA LEU A 45 -23.49 12.01 -19.19
C LEU A 45 -25.01 12.01 -19.01
N SER A 46 -25.74 11.97 -20.12
CA SER A 46 -27.19 11.92 -20.01
C SER A 46 -27.63 10.57 -19.40
N ASP A 47 -26.86 9.52 -19.69
CA ASP A 47 -27.06 8.18 -19.09
C ASP A 47 -26.83 8.23 -17.58
N VAL A 48 -25.72 8.85 -17.19
CA VAL A 48 -25.39 8.99 -15.79
C VAL A 48 -26.46 9.81 -15.07
N MET A 49 -26.88 10.89 -15.73
CA MET A 49 -27.90 11.79 -15.21
C MET A 49 -29.22 11.05 -14.89
N THR A 50 -29.67 10.21 -15.82
CA THR A 50 -30.83 9.35 -15.61
C THR A 50 -30.61 8.39 -14.42
N LEU A 51 -29.44 7.78 -14.35
CA LEU A 51 -29.12 6.90 -13.23
C LEU A 51 -29.14 7.64 -11.86
N LEU A 52 -28.52 8.81 -11.78
CA LEU A 52 -28.55 9.58 -10.55
C LEU A 52 -29.97 9.99 -10.20
N ARG A 53 -30.77 10.33 -11.22
CA ARG A 53 -32.15 10.74 -11.01
C ARG A 53 -32.97 9.58 -10.43
N GLN A 54 -32.71 8.37 -10.91
CA GLN A 54 -33.34 7.15 -10.38
C GLN A 54 -32.94 6.94 -8.93
N GLU A 55 -31.64 6.96 -8.69
CA GLU A 55 -31.10 6.85 -7.35
C GLU A 55 -31.74 7.88 -6.43
N TYR A 56 -32.00 9.07 -6.96
CA TYR A 56 -32.63 10.12 -6.18
C TYR A 56 -34.06 9.73 -5.74
N SER A 57 -34.85 9.20 -6.66
CA SER A 57 -36.20 8.73 -6.32
C SER A 57 -36.14 7.59 -5.31
N ILE A 58 -35.21 6.67 -5.50
CA ILE A 58 -35.03 5.54 -4.62
C ILE A 58 -34.79 5.95 -3.15
N THR A 59 -34.21 7.12 -2.93
CA THR A 59 -33.84 7.53 -1.56
C THR A 59 -35.01 7.61 -0.58
N ASP A 60 -36.23 7.70 -1.10
CA ASP A 60 -37.41 7.70 -0.23
C ASP A 60 -37.51 6.38 0.53
N ASN A 61 -36.86 5.36 0.00
CA ASN A 61 -36.79 4.05 0.64
C ASN A 61 -35.93 4.07 1.90
N ILE A 62 -35.25 5.19 2.15
CA ILE A 62 -34.41 5.30 3.33
C ILE A 62 -35.21 5.79 4.53
N LYS A 63 -35.81 4.84 5.25
CA LYS A 63 -36.43 5.13 6.52
C LYS A 63 -35.32 5.67 7.39
N LEU A 64 -35.41 6.94 7.79
CA LEU A 64 -34.35 7.64 8.53
C LEU A 64 -34.10 9.03 7.96
N LYS A 65 -34.71 10.04 8.58
CA LYS A 65 -34.61 11.44 8.15
C LYS A 65 -33.20 11.87 7.73
N ARG A 66 -32.29 11.95 8.69
CA ARG A 66 -30.96 12.53 8.43
C ARG A 66 -30.23 11.83 7.30
N THR A 67 -30.28 10.50 7.27
CA THR A 67 -29.60 9.73 6.25
C THR A 67 -30.23 9.97 4.89
N ARG A 68 -31.54 9.84 4.82
CA ARG A 68 -32.27 10.07 3.58
C ARG A 68 -31.89 11.43 2.99
N GLN A 69 -31.91 12.48 3.82
CA GLN A 69 -31.55 13.82 3.39
C GLN A 69 -30.12 13.88 2.87
N ALA A 70 -29.22 13.25 3.60
CA ALA A 70 -27.80 13.29 3.32
C ALA A 70 -27.51 12.85 1.90
N VAL A 71 -28.14 11.74 1.51
CA VAL A 71 -27.90 11.16 0.21
C VAL A 71 -28.48 12.07 -0.87
N LYS A 72 -29.69 12.56 -0.66
CA LYS A 72 -30.30 13.47 -1.63
C LYS A 72 -29.39 14.66 -1.89
N ARG A 73 -28.86 15.25 -0.82
CA ARG A 73 -27.98 16.40 -0.96
C ARG A 73 -26.74 16.12 -1.79
N ALA A 74 -26.10 14.98 -1.54
CA ALA A 74 -24.91 14.59 -2.29
C ALA A 74 -25.24 14.29 -3.75
N LEU A 75 -26.34 13.57 -3.96
CA LEU A 75 -26.84 13.31 -5.30
C LEU A 75 -27.09 14.60 -6.10
N SER A 76 -27.72 15.58 -5.45
CA SER A 76 -28.02 16.84 -6.12
C SER A 76 -26.74 17.56 -6.47
N ALA A 77 -25.76 17.49 -5.58
CA ALA A 77 -24.49 18.15 -5.80
C ALA A 77 -23.81 17.55 -7.02
N ALA A 78 -23.81 16.23 -7.11
CA ALA A 78 -23.20 15.55 -8.25
C ALA A 78 -23.92 15.89 -9.57
N MET A 79 -25.25 15.91 -9.54
CA MET A 79 -26.03 16.34 -10.71
C MET A 79 -25.69 17.76 -11.14
N ASP A 80 -25.60 18.67 -10.17
CA ASP A 80 -25.18 20.04 -10.42
C ASP A 80 -23.87 20.07 -11.17
N ARG A 81 -22.91 19.31 -10.65
CA ARG A 81 -21.58 19.23 -11.21
C ARG A 81 -21.62 18.76 -12.66
N LEU A 82 -22.44 17.75 -12.94
CA LEU A 82 -22.47 17.15 -14.27
C LEU A 82 -23.15 18.06 -15.28
N GLN A 83 -24.12 18.83 -14.82
CA GLN A 83 -24.81 19.72 -15.74
C GLN A 83 -23.94 20.93 -16.07
N MET A 84 -22.73 20.96 -15.51
CA MET A 84 -21.73 21.98 -15.86
C MET A 84 -20.94 21.59 -17.09
N LEU A 85 -21.05 20.32 -17.48
CA LEU A 85 -20.23 19.80 -18.55
C LEU A 85 -21.08 19.43 -19.75
N THR A 86 -20.43 19.28 -20.90
CA THR A 86 -21.13 18.83 -22.08
C THR A 86 -20.89 17.35 -22.32
N SER A 87 -19.64 16.93 -22.14
CA SER A 87 -19.30 15.52 -22.30
C SER A 87 -18.17 15.16 -21.36
N THR A 88 -18.07 13.88 -21.03
CA THR A 88 -17.00 13.42 -20.14
C THR A 88 -15.64 13.71 -20.78
N PRO A 89 -14.62 14.08 -19.96
CA PRO A 89 -13.28 14.27 -20.48
C PRO A 89 -12.76 12.96 -21.09
N PRO A 90 -11.57 13.00 -21.68
CA PRO A 90 -11.06 11.83 -22.41
C PRO A 90 -10.67 10.70 -21.46
N ASN A 91 -10.33 11.03 -20.22
CA ASN A 91 -9.96 10.02 -19.24
C ASN A 91 -11.10 9.71 -18.29
N GLY A 92 -12.28 10.25 -18.59
CA GLY A 92 -13.45 10.10 -17.72
C GLY A 92 -13.50 11.11 -16.60
N LEU A 93 -14.48 10.91 -15.70
CA LEU A 93 -14.70 11.76 -14.54
C LEU A 93 -14.78 10.92 -13.29
N VAL A 94 -14.38 11.48 -12.15
CA VAL A 94 -14.74 10.88 -10.86
C VAL A 94 -15.22 11.95 -9.88
N LEU A 95 -16.28 11.63 -9.14
CA LEU A 95 -16.83 12.53 -8.14
C LEU A 95 -16.92 11.88 -6.77
N PHE A 96 -16.55 12.61 -5.73
CA PHE A 96 -16.86 12.21 -4.35
C PHE A 96 -17.60 13.37 -3.66
N CYS A 97 -18.75 13.11 -3.04
CA CYS A 97 -19.51 14.16 -2.38
C CYS A 97 -20.08 13.66 -1.07
N GLY A 98 -20.23 14.58 -0.10
CA GLY A 98 -20.86 14.25 1.16
C GLY A 98 -20.44 15.18 2.28
N GLU A 99 -20.88 14.86 3.50
CA GLU A 99 -20.45 15.59 4.68
C GLU A 99 -19.68 14.67 5.62
N LYS A 105 -19.08 20.72 7.02
CA LYS A 105 -18.05 19.97 6.30
C LYS A 105 -18.60 19.24 5.06
N PHE A 106 -19.09 20.00 4.08
CA PHE A 106 -19.61 19.42 2.83
C PHE A 106 -18.80 19.82 1.60
N GLU A 107 -18.51 18.84 0.73
CA GLU A 107 -17.75 19.08 -0.48
C GLU A 107 -18.05 18.11 -1.61
N CYS A 108 -17.81 18.57 -2.84
CA CYS A 108 -17.98 17.73 -4.02
C CYS A 108 -16.70 17.71 -4.85
N PHE A 109 -15.85 16.70 -4.66
CA PHE A 109 -14.62 16.61 -5.44
C PHE A 109 -14.94 16.15 -6.84
N MET A 110 -14.39 16.81 -7.85
CA MET A 110 -14.59 16.37 -9.23
C MET A 110 -13.32 16.52 -10.04
N PHE A 111 -12.92 15.48 -10.76
CA PHE A 111 -11.74 15.58 -11.61
C PHE A 111 -11.67 14.52 -12.69
N SER A 112 -10.69 14.68 -13.58
CA SER A 112 -10.36 13.63 -14.51
C SER A 112 -9.03 13.01 -14.07
N PRO A 113 -8.94 11.67 -14.06
CA PRO A 113 -7.74 11.00 -13.55
C PRO A 113 -6.64 10.91 -14.60
N PRO A 114 -5.38 10.70 -14.18
CA PRO A 114 -4.27 10.65 -15.14
C PRO A 114 -4.45 9.47 -16.08
N GLU A 115 -5.15 8.48 -15.57
CA GLU A 115 -5.41 7.22 -16.24
C GLU A 115 -6.89 7.14 -16.65
N PRO A 116 -7.17 6.59 -17.84
CA PRO A 116 -8.57 6.46 -18.27
C PRO A 116 -9.27 5.38 -17.45
N ILE A 117 -10.40 5.71 -16.86
CA ILE A 117 -11.21 4.70 -16.18
C ILE A 117 -12.05 4.00 -17.25
N ARG A 118 -12.44 2.76 -17.00
CA ARG A 118 -13.19 2.00 -17.98
C ARG A 118 -14.50 1.45 -17.42
N VAL A 119 -14.54 1.26 -16.10
CA VAL A 119 -15.72 0.67 -15.46
C VAL A 119 -16.52 1.69 -14.66
N PHE A 120 -17.73 1.96 -15.12
CA PHE A 120 -18.62 2.86 -14.40
C PHE A 120 -18.82 2.32 -13.00
N TYR A 121 -18.90 3.21 -12.02
CA TYR A 121 -19.10 2.76 -10.66
C TYR A 121 -19.84 3.85 -9.93
N TYR A 122 -20.85 3.46 -9.15
CA TYR A 122 -21.59 4.40 -8.33
C TYR A 122 -21.76 3.77 -6.97
N ARG A 123 -21.53 4.53 -5.91
CA ARG A 123 -21.74 3.95 -4.60
C ARG A 123 -21.98 4.96 -3.49
N THR A 124 -22.76 4.55 -2.49
CA THR A 124 -22.88 5.32 -1.27
C THR A 124 -22.38 4.48 -0.12
N ASP A 125 -21.45 5.00 0.65
CA ASP A 125 -20.84 4.21 1.71
C ASP A 125 -20.48 5.11 2.88
N LYS A 126 -19.90 4.48 3.91
CA LYS A 126 -19.45 5.21 5.10
C LYS A 126 -18.11 5.91 4.80
N ARG A 127 -17.56 5.61 3.62
CA ARG A 127 -16.32 6.22 3.14
C ARG A 127 -16.35 6.36 1.62
N PHE A 128 -15.39 7.10 1.07
CA PHE A 128 -15.21 7.15 -0.38
C PHE A 128 -14.53 5.87 -0.90
N ILE A 129 -14.95 5.40 -2.06
CA ILE A 129 -14.31 4.25 -2.69
C ILE A 129 -13.21 4.75 -3.62
N THR A 130 -11.97 4.49 -3.24
CA THR A 130 -10.84 5.07 -3.95
C THR A 130 -10.14 3.98 -4.75
N ASP A 131 -10.60 2.76 -4.55
CA ASP A 131 -10.07 1.57 -5.20
C ASP A 131 -9.27 1.84 -6.45
N PHE A 132 -9.98 2.16 -7.53
CA PHE A 132 -9.40 2.23 -8.86
C PHE A 132 -8.26 3.23 -8.92
N LEU A 133 -8.36 4.28 -8.12
CA LEU A 133 -7.41 5.40 -8.18
C LEU A 133 -6.08 5.06 -7.55
N GLU A 134 -6.13 4.31 -6.44
CA GLU A 134 -4.92 3.91 -5.74
C GLU A 134 -4.04 3.00 -6.60
N ASP A 135 -4.65 2.34 -7.58
CA ASP A 135 -3.91 1.39 -8.42
C ASP A 135 -3.01 2.04 -9.46
N MET A 136 -3.26 3.31 -9.78
CA MET A 136 -2.43 4.01 -10.76
C MET A 136 -1.60 5.10 -10.09
N VAL A 137 -1.86 5.33 -8.82
CA VAL A 137 -1.01 6.20 -8.02
C VAL A 137 0.11 5.32 -7.45
N GLU A 138 -0.04 4.02 -7.72
CA GLU A 138 0.73 2.99 -7.05
C GLU A 138 1.84 2.45 -7.94
N ASP A 139 3.07 2.58 -7.47
CA ASP A 139 4.22 1.94 -8.12
C ASP A 139 3.94 0.45 -8.34
N ASN A 140 4.12 -0.01 -9.57
CA ASN A 140 4.06 -1.43 -9.84
C ASN A 140 5.35 -2.08 -9.37
N ASN A 141 5.56 -2.11 -8.06
CA ASN A 141 6.78 -2.69 -7.51
C ASN A 141 6.55 -3.65 -6.34
N ALA A 142 5.38 -4.28 -6.30
CA ALA A 142 5.04 -5.15 -5.19
C ALA A 142 5.69 -6.53 -5.31
N ILE A 143 6.16 -7.03 -4.16
CA ILE A 143 6.67 -8.38 -4.03
C ILE A 143 5.81 -9.18 -3.03
N GLY A 144 5.34 -10.35 -3.48
CA GLY A 144 4.63 -11.28 -2.61
C GLY A 144 5.66 -12.18 -1.94
N ILE A 145 5.38 -12.60 -0.72
CA ILE A 145 6.27 -13.50 0.00
C ILE A 145 5.44 -14.63 0.63
N ILE A 146 5.88 -15.87 0.39
CA ILE A 146 5.28 -17.05 1.01
C ILE A 146 6.37 -17.76 1.81
N ILE A 147 6.19 -17.81 3.13
CA ILE A 147 7.02 -18.64 4.02
C ILE A 147 6.29 -19.96 4.25
N VAL A 148 6.96 -21.06 3.95
CA VAL A 148 6.31 -22.36 3.99
C VAL A 148 7.03 -23.31 4.93
N GLU A 149 6.25 -23.99 5.75
CA GLU A 149 6.70 -25.13 6.51
C GLU A 149 5.67 -26.21 6.29
N ARG A 150 6.04 -27.45 6.61
CA ARG A 150 5.14 -28.59 6.44
C ARG A 150 3.79 -28.35 7.12
N ASP A 151 3.79 -27.64 8.24
CA ASP A 151 2.55 -27.48 9.02
C ASP A 151 2.24 -26.03 9.40
N GLN A 152 2.86 -25.08 8.70
CA GLN A 152 2.66 -23.66 9.03
C GLN A 152 3.16 -22.74 7.90
N ALA A 153 2.49 -21.62 7.70
CA ALA A 153 2.82 -20.74 6.59
C ALA A 153 2.49 -19.27 6.89
N THR A 154 3.20 -18.36 6.23
CA THR A 154 2.92 -16.94 6.29
C THR A 154 2.87 -16.37 4.87
N ILE A 155 1.83 -15.60 4.56
CA ILE A 155 1.76 -14.89 3.31
C ILE A 155 1.91 -13.38 3.57
N GLY A 156 2.86 -12.73 2.90
CA GLY A 156 3.13 -11.32 3.14
C GLY A 156 3.21 -10.52 1.86
N LEU A 157 3.33 -9.20 2.01
CA LEU A 157 3.35 -8.32 0.86
C LEU A 157 4.32 -7.17 1.11
N LEU A 158 5.23 -6.94 0.17
CA LEU A 158 6.16 -5.81 0.25
C LEU A 158 5.90 -4.80 -0.86
N LYS A 159 5.77 -3.53 -0.47
CA LYS A 159 5.69 -2.39 -1.40
C LYS A 159 6.59 -1.27 -0.89
N GLY A 160 7.62 -0.95 -1.64
CA GLY A 160 8.61 0.01 -1.20
C GLY A 160 9.15 -0.46 0.14
N ALA A 161 9.07 0.39 1.15
CA ALA A 161 9.53 0.02 2.49
C ALA A 161 8.43 -0.56 3.42
N ARG A 162 7.22 -0.74 2.91
CA ARG A 162 6.12 -1.29 3.72
C ARG A 162 5.98 -2.80 3.59
N LEU A 163 6.22 -3.50 4.69
CA LEU A 163 6.10 -4.96 4.75
C LEU A 163 4.98 -5.35 5.71
N GLU A 164 4.07 -6.20 5.24
CA GLU A 164 2.91 -6.59 6.03
C GLU A 164 2.58 -8.08 5.88
N VAL A 165 2.01 -8.63 6.95
CA VAL A 165 1.49 -9.98 6.96
C VAL A 165 0.09 -9.93 6.38
N LEU A 166 -0.19 -10.74 5.36
CA LEU A 166 -1.53 -10.81 4.77
C LEU A 166 -2.35 -11.92 5.42
N LYS A 167 -1.68 -13.04 5.71
CA LYS A 167 -2.33 -14.22 6.25
C LYS A 167 -1.29 -15.14 6.86
N GLU A 168 -1.66 -15.75 7.98
CA GLU A 168 -0.92 -16.85 8.58
C GLU A 168 -1.80 -18.10 8.61
N LEU A 169 -1.21 -19.28 8.42
CA LEU A 169 -1.96 -20.52 8.32
C LEU A 169 -1.24 -21.57 9.13
N GLU A 170 -2.02 -22.49 9.68
CA GLU A 170 -1.51 -23.64 10.42
C GLU A 170 -2.18 -24.91 9.93
N GLY A 171 -1.47 -26.03 10.05
CA GLY A 171 -2.00 -27.34 9.74
C GLY A 171 -1.60 -28.34 10.81
N PHE A 172 -2.34 -29.45 10.87
CA PHE A 172 -1.96 -30.54 11.75
C PHE A 172 -1.09 -31.53 10.97
N VAL A 173 0.06 -31.87 11.54
CA VAL A 173 1.00 -32.78 10.92
C VAL A 173 1.88 -33.37 12.02
N PRO A 174 1.49 -34.51 12.58
CA PRO A 174 2.31 -35.19 13.59
C PRO A 174 3.75 -35.37 13.11
N TYR A 187 2.26 -44.55 8.13
CA TYR A 187 3.55 -43.92 8.34
C TYR A 187 3.60 -42.57 7.60
N GLU A 188 4.67 -42.34 6.84
CA GLU A 188 4.82 -41.07 6.12
C GLU A 188 3.73 -40.89 5.06
N ARG A 189 3.03 -41.97 4.75
CA ARG A 189 1.93 -41.95 3.78
C ARG A 189 0.81 -41.00 4.20
N ILE A 190 0.25 -41.25 5.38
CA ILE A 190 -0.80 -40.40 5.92
C ILE A 190 -0.25 -38.98 6.12
N ILE A 191 0.91 -38.89 6.76
CA ILE A 191 1.53 -37.59 6.95
C ILE A 191 1.80 -36.86 5.63
N GLU A 192 2.22 -37.60 4.61
CA GLU A 192 2.49 -37.01 3.30
C GLU A 192 1.20 -36.43 2.74
N GLN A 193 0.13 -37.19 2.88
CA GLN A 193 -1.16 -36.72 2.41
C GLN A 193 -1.59 -35.49 3.20
N MET A 194 -1.32 -35.48 4.49
CA MET A 194 -1.71 -34.34 5.32
C MET A 194 -0.95 -33.07 4.90
N VAL A 195 0.37 -33.20 4.70
CA VAL A 195 1.17 -32.07 4.25
C VAL A 195 0.69 -31.58 2.89
N ASP A 196 0.39 -32.53 2.00
CA ASP A 196 -0.20 -32.23 0.72
C ASP A 196 -1.45 -31.33 0.85
N GLU A 197 -2.35 -31.70 1.73
CA GLU A 197 -3.57 -30.92 1.95
C GLU A 197 -3.24 -29.51 2.46
N PHE A 198 -2.33 -29.42 3.41
CA PHE A 198 -1.90 -28.11 3.89
C PHE A 198 -1.28 -27.24 2.75
N PHE A 199 -0.46 -27.85 1.90
CA PHE A 199 0.16 -27.12 0.80
C PHE A 199 -0.86 -26.60 -0.19
N LYS A 200 -1.94 -27.34 -0.37
CA LYS A 200 -3.03 -26.89 -1.23
C LYS A 200 -3.76 -25.70 -0.62
N LYS A 201 -4.00 -25.76 0.68
CA LYS A 201 -4.57 -24.64 1.41
C LYS A 201 -3.66 -23.38 1.26
N VAL A 202 -2.37 -23.54 1.53
CA VAL A 202 -1.41 -22.44 1.38
C VAL A 202 -1.42 -21.92 -0.06
N GLY A 203 -1.35 -22.85 -1.01
CA GLY A 203 -1.40 -22.50 -2.42
C GLY A 203 -2.63 -21.70 -2.81
N GLU A 204 -3.80 -22.19 -2.40
CA GLU A 204 -5.06 -21.47 -2.62
C GLU A 204 -5.12 -20.11 -1.95
N GLU A 205 -4.75 -20.08 -0.67
CA GLU A 205 -4.71 -18.84 0.07
C GLU A 205 -3.78 -17.81 -0.63
N ALA A 206 -2.55 -18.23 -0.94
CA ALA A 206 -1.60 -17.35 -1.61
C ALA A 206 -2.17 -16.83 -2.93
N SER A 207 -2.68 -17.75 -3.75
CA SER A 207 -3.26 -17.39 -5.03
C SER A 207 -4.44 -16.40 -4.93
N ASN A 208 -5.33 -16.61 -3.98
CA ASN A 208 -6.44 -15.67 -3.79
C ASN A 208 -5.94 -14.27 -3.43
N LEU A 209 -4.86 -14.21 -2.66
CA LEU A 209 -4.30 -12.93 -2.23
C LEU A 209 -3.42 -12.25 -3.28
N LEU A 210 -2.65 -13.04 -4.02
CA LEU A 210 -1.57 -12.47 -4.84
C LEU A 210 -1.90 -12.37 -6.33
N VAL A 211 -2.66 -13.31 -6.85
CA VAL A 211 -2.99 -13.33 -8.29
C VAL A 211 -3.71 -12.06 -8.80
N PRO A 212 -4.67 -11.52 -8.04
CA PRO A 212 -5.27 -10.27 -8.53
C PRO A 212 -4.22 -9.16 -8.68
N LEU A 213 -3.34 -9.06 -7.70
CA LEU A 213 -2.24 -8.12 -7.75
C LEU A 213 -1.40 -8.34 -9.00
N ALA A 214 -1.12 -9.61 -9.32
CA ALA A 214 -0.30 -9.94 -10.48
C ALA A 214 -1.03 -9.59 -11.77
N GLU A 215 -2.35 -9.73 -11.74
CA GLU A 215 -3.14 -9.40 -12.90
C GLU A 215 -3.22 -7.90 -13.11
N LYS A 216 -3.33 -7.14 -12.03
CA LYS A 216 -3.33 -5.67 -12.13
C LYS A 216 -1.96 -5.15 -12.54
N GLY A 217 -0.97 -6.02 -12.62
CA GLY A 217 0.39 -5.61 -12.99
C GLY A 217 1.22 -5.04 -11.85
N VAL A 218 0.59 -4.87 -10.69
CA VAL A 218 1.23 -4.39 -9.48
C VAL A 218 2.27 -5.36 -8.91
N LEU A 219 1.97 -6.65 -8.96
CA LEU A 219 2.89 -7.65 -8.42
C LEU A 219 3.97 -7.96 -9.44
N LYS A 220 5.23 -7.77 -9.05
CA LYS A 220 6.35 -8.04 -9.94
C LYS A 220 7.07 -9.35 -9.64
N GLY A 221 6.88 -9.89 -8.44
CA GLY A 221 7.57 -11.11 -8.07
C GLY A 221 7.05 -11.76 -6.82
N VAL A 222 7.49 -12.99 -6.57
CA VAL A 222 7.12 -13.72 -5.36
C VAL A 222 8.34 -14.38 -4.79
N ILE A 223 8.60 -14.17 -3.51
CA ILE A 223 9.68 -14.86 -2.85
C ILE A 223 9.06 -16.03 -2.10
N VAL A 224 9.60 -17.22 -2.31
CA VAL A 224 9.21 -18.35 -1.45
C VAL A 224 10.38 -18.64 -0.52
N ALA A 225 10.09 -18.66 0.79
CA ALA A 225 11.11 -18.88 1.81
C ALA A 225 10.62 -19.91 2.83
N GLY A 226 11.50 -20.29 3.74
CA GLY A 226 11.13 -21.19 4.81
C GLY A 226 12.32 -21.99 5.27
N PRO A 227 12.17 -22.68 6.40
CA PRO A 227 13.26 -23.54 6.84
C PRO A 227 13.19 -24.92 6.18
N GLY A 228 14.35 -25.54 5.96
CA GLY A 228 14.39 -26.89 5.44
C GLY A 228 13.80 -27.05 4.06
N LEU A 229 13.30 -28.25 3.79
CA LEU A 229 12.97 -28.65 2.42
C LEU A 229 11.55 -28.32 1.97
N ALA A 230 10.68 -27.95 2.90
CA ALA A 230 9.27 -27.82 2.55
C ALA A 230 8.99 -26.86 1.37
N LYS A 231 9.73 -25.75 1.32
CA LYS A 231 9.55 -24.74 0.28
C LYS A 231 9.88 -25.27 -1.12
N GLN A 232 10.87 -26.15 -1.20
CA GLN A 232 11.21 -26.81 -2.46
C GLN A 232 10.04 -27.70 -2.91
N GLU A 233 9.50 -28.48 -1.97
CA GLU A 233 8.35 -29.34 -2.25
C GLU A 233 7.17 -28.46 -2.68
N PHE A 234 6.95 -27.38 -1.96
CA PHE A 234 5.81 -26.51 -2.25
C PHE A 234 5.88 -25.94 -3.66
N VAL A 235 7.08 -25.55 -4.07
CA VAL A 235 7.27 -24.94 -5.37
C VAL A 235 7.20 -25.96 -6.50
N GLU A 236 7.70 -27.16 -6.27
CA GLU A 236 7.68 -28.15 -7.31
C GLU A 236 6.29 -28.74 -7.60
N GLY A 237 5.39 -28.69 -6.61
CA GLY A 237 4.05 -29.21 -6.77
C GLY A 237 3.13 -28.22 -7.49
N ASN A 238 1.83 -28.50 -7.49
CA ASN A 238 0.85 -27.70 -8.22
C ASN A 238 0.19 -26.63 -7.37
N TYR A 239 0.67 -26.50 -6.14
CA TYR A 239 0.00 -25.66 -5.15
C TYR A 239 -0.17 -24.20 -5.60
N LEU A 240 0.89 -23.64 -6.14
CA LEU A 240 0.92 -22.23 -6.47
C LEU A 240 0.35 -22.00 -7.87
N ASP A 241 -0.65 -21.12 -7.98
CA ASP A 241 -1.19 -20.73 -9.28
C ASP A 241 -0.06 -20.39 -10.27
N TYR A 242 -0.20 -20.84 -11.51
CA TYR A 242 0.80 -20.63 -12.54
C TYR A 242 1.15 -19.15 -12.79
N ARG A 243 0.17 -18.26 -12.65
CA ARG A 243 0.45 -16.82 -12.78
C ARG A 243 1.49 -16.37 -11.75
N LEU A 244 1.48 -16.99 -10.58
CA LEU A 244 2.47 -16.66 -9.57
C LEU A 244 3.78 -17.42 -9.81
N LYS A 245 3.66 -18.66 -10.27
CA LYS A 245 4.84 -19.44 -10.56
C LYS A 245 5.72 -18.71 -11.59
N LYS A 246 5.09 -18.10 -12.58
CA LYS A 246 5.79 -17.34 -13.62
C LYS A 246 6.79 -16.31 -13.10
N ILE A 247 6.46 -15.69 -11.97
CA ILE A 247 7.23 -14.55 -11.45
C ILE A 247 7.86 -14.88 -10.10
N LEU A 248 8.08 -16.16 -9.88
CA LEU A 248 8.76 -16.63 -8.71
C LEU A 248 10.21 -16.15 -8.79
N ALA A 249 10.75 -15.62 -7.70
CA ALA A 249 12.17 -15.29 -7.69
C ALA A 249 12.93 -16.59 -7.87
N PRO A 250 14.04 -16.54 -8.62
CA PRO A 250 14.71 -17.78 -9.02
C PRO A 250 15.14 -18.63 -7.83
N GLU A 251 15.59 -17.98 -6.76
CA GLU A 251 16.23 -18.67 -5.65
C GLU A 251 15.31 -18.74 -4.45
N LEU A 252 15.21 -19.93 -3.85
CA LEU A 252 14.43 -20.12 -2.64
C LEU A 252 15.25 -19.60 -1.47
N VAL A 253 14.59 -19.00 -0.48
CA VAL A 253 15.31 -18.36 0.61
C VAL A 253 15.15 -19.09 1.93
N ASP A 254 16.28 -19.44 2.56
CA ASP A 254 16.29 -20.10 3.85
C ASP A 254 16.04 -19.12 4.96
N VAL A 255 14.99 -19.37 5.72
CA VAL A 255 14.56 -18.46 6.76
C VAL A 255 14.06 -19.34 7.90
N ALA A 256 14.30 -18.88 9.12
CA ALA A 256 14.01 -19.67 10.31
C ALA A 256 12.63 -19.40 10.91
N TYR A 257 12.09 -18.22 10.68
CA TYR A 257 10.88 -17.81 11.39
C TYR A 257 9.68 -17.59 10.49
N GLN A 258 8.51 -17.45 11.12
CA GLN A 258 7.26 -17.16 10.43
C GLN A 258 6.82 -15.78 10.88
N GLY A 259 5.62 -15.36 10.48
CA GLY A 259 5.13 -14.05 10.85
C GLY A 259 5.96 -12.90 10.30
N LEU A 260 5.71 -11.69 10.81
CA LEU A 260 6.43 -10.50 10.39
C LEU A 260 7.93 -10.72 10.39
N GLN A 261 8.42 -11.36 11.46
CA GLN A 261 9.85 -11.63 11.60
C GLN A 261 10.43 -12.47 10.46
N GLY A 262 9.74 -13.53 10.06
CA GLY A 262 10.23 -14.35 8.96
C GLY A 262 10.17 -13.62 7.63
N LEU A 263 9.14 -12.78 7.46
CA LEU A 263 8.96 -11.98 6.25
C LEU A 263 10.13 -11.03 6.05
N LYS A 264 10.51 -10.37 7.15
CA LYS A 264 11.66 -9.47 7.15
C LYS A 264 12.91 -10.23 6.73
N GLU A 265 13.13 -11.38 7.37
CA GLU A 265 14.32 -12.19 7.07
C GLU A 265 14.38 -12.59 5.60
N ALA A 266 13.26 -12.98 5.02
CA ALA A 266 13.23 -13.39 3.62
C ALA A 266 13.56 -12.23 2.70
N VAL A 267 13.00 -11.06 3.01
CA VAL A 267 13.27 -9.87 2.23
C VAL A 267 14.74 -9.44 2.32
N MET A 268 15.29 -9.44 3.54
CA MET A 268 16.69 -9.09 3.68
C MET A 268 17.58 -10.07 2.93
N LYS A 269 17.18 -11.33 2.82
CA LYS A 269 18.08 -12.33 2.25
C LYS A 269 17.88 -12.53 0.77
N ALA A 270 16.78 -12.00 0.25
CA ALA A 270 16.49 -12.11 -1.19
C ALA A 270 17.28 -11.05 -1.97
N GLU A 271 18.59 -11.12 -1.85
CA GLU A 271 19.43 -10.04 -2.38
C GLU A 271 19.32 -9.86 -3.91
N LYS A 272 18.80 -10.87 -4.60
CA LYS A 272 18.68 -10.78 -6.05
C LYS A 272 17.38 -10.13 -6.54
N VAL A 273 16.46 -9.84 -5.61
CA VAL A 273 15.24 -9.14 -6.03
C VAL A 273 15.33 -7.62 -5.83
N VAL A 274 15.20 -6.91 -6.95
CA VAL A 274 15.50 -5.48 -7.02
C VAL A 274 14.46 -4.64 -6.29
N GLU A 275 13.20 -5.05 -6.40
CA GLU A 275 12.07 -4.35 -5.79
C GLU A 275 12.16 -4.38 -4.26
N ALA A 276 13.12 -5.15 -3.74
CA ALA A 276 13.30 -5.24 -2.30
C ALA A 276 14.42 -4.33 -1.77
N GLN A 277 15.10 -3.59 -2.66
CA GLN A 277 16.25 -2.78 -2.22
C GLN A 277 15.85 -1.61 -1.32
N MET A 278 14.71 -0.98 -1.63
CA MET A 278 14.28 0.15 -0.85
C MET A 278 14.06 -0.26 0.62
N TYR A 279 13.49 -1.44 0.83
CA TYR A 279 13.26 -1.98 2.16
C TYR A 279 14.59 -2.34 2.85
N ARG A 280 15.47 -3.03 2.12
CA ARG A 280 16.78 -3.34 2.68
C ARG A 280 17.53 -2.05 3.05
N ASP A 281 17.41 -1.02 2.23
CA ASP A 281 18.07 0.25 2.54
C ASP A 281 17.59 0.83 3.86
N ALA A 282 16.28 0.80 4.08
CA ALA A 282 15.71 1.35 5.30
C ALA A 282 16.19 0.53 6.50
N VAL A 283 16.14 -0.79 6.39
CA VAL A 283 16.60 -1.66 7.46
C VAL A 283 18.11 -1.50 7.71
N ASN A 284 18.91 -1.55 6.66
CA ASN A 284 20.35 -1.36 6.84
C ASN A 284 20.68 -0.01 7.47
N ALA A 285 19.95 1.03 7.11
CA ALA A 285 20.21 2.35 7.67
C ALA A 285 19.93 2.34 9.17
N MET A 286 18.79 1.79 9.56
CA MET A 286 18.43 1.67 10.98
C MET A 286 19.49 0.92 11.80
N GLU A 287 19.96 -0.20 11.26
CA GLU A 287 21.00 -0.98 11.92
C GLU A 287 22.34 -0.24 12.00
N GLU A 288 22.76 0.40 10.92
CA GLU A 288 23.97 1.19 10.95
C GLU A 288 23.87 2.28 12.04
N PHE A 289 22.74 2.97 12.07
CA PHE A 289 22.47 3.99 13.07
C PHE A 289 22.64 3.41 14.48
N LYS A 290 22.08 2.22 14.71
CA LYS A 290 22.09 1.64 16.05
C LYS A 290 23.49 1.16 16.45
N LEU A 291 24.22 0.62 15.49
CA LEU A 291 25.61 0.20 15.69
C LEU A 291 26.50 1.37 16.15
N HIS A 292 26.33 2.54 15.54
CA HIS A 292 27.06 3.72 15.97
C HIS A 292 26.68 4.10 17.40
N LEU A 293 25.38 4.04 17.70
CA LEU A 293 24.90 4.32 19.05
C LEU A 293 25.55 3.38 20.05
N ALA A 294 25.44 2.09 19.76
CA ALA A 294 25.93 1.04 20.65
C ALA A 294 27.43 1.14 20.88
N LYS A 295 28.17 1.62 19.89
CA LYS A 295 29.62 1.69 20.01
C LYS A 295 30.13 3.09 20.33
N GLY A 296 29.26 3.96 20.84
CA GLY A 296 29.64 5.31 21.20
C GLY A 296 30.62 5.91 20.22
N THR A 297 30.26 5.86 18.94
CA THR A 297 31.17 6.21 17.85
C THR A 297 31.15 7.71 17.50
N GLY A 298 30.09 8.41 17.88
CA GLY A 298 29.93 9.82 17.57
C GLY A 298 29.62 10.09 16.10
N MET A 299 29.38 9.03 15.34
CA MET A 299 29.12 9.16 13.92
C MET A 299 27.63 9.39 13.62
N ILE A 300 26.91 9.95 14.57
CA ILE A 300 25.49 10.24 14.41
C ILE A 300 25.13 11.58 15.03
N VAL A 301 23.96 12.07 14.69
CA VAL A 301 23.50 13.36 15.19
C VAL A 301 22.00 13.24 15.41
N TYR A 302 21.49 13.92 16.43
CA TYR A 302 20.05 13.98 16.68
C TYR A 302 19.75 15.23 17.46
N GLY A 303 18.47 15.56 17.56
CA GLY A 303 18.03 16.83 18.11
C GLY A 303 17.98 17.79 16.94
N GLU A 304 16.87 18.49 16.79
CA GLU A 304 16.67 19.35 15.62
C GLU A 304 17.80 20.34 15.36
N LYS A 305 18.25 21.03 16.41
CA LYS A 305 19.32 22.01 16.27
C LYS A 305 20.57 21.31 15.74
N ASP A 306 20.94 20.19 16.36
CA ASP A 306 22.11 19.43 15.92
C ASP A 306 21.98 18.96 14.48
N VAL A 307 20.83 18.38 14.16
CA VAL A 307 20.60 17.85 12.81
C VAL A 307 20.71 18.98 11.79
N GLU A 308 20.05 20.10 12.09
CA GLU A 308 20.19 21.33 11.30
C GLU A 308 21.65 21.68 11.02
N ALA A 309 22.42 21.93 12.08
CA ALA A 309 23.81 22.34 11.95
C ALA A 309 24.64 21.30 11.21
N ALA A 310 24.40 20.02 11.49
CA ALA A 310 25.11 18.96 10.76
C ALA A 310 24.82 19.05 9.26
N LEU A 311 23.55 19.26 8.92
CA LEU A 311 23.11 19.34 7.52
C LEU A 311 23.75 20.55 6.85
N GLU A 312 23.90 21.61 7.64
CA GLU A 312 24.37 22.91 7.16
C GLU A 312 25.81 22.84 6.65
N MET A 313 26.59 21.91 7.19
CA MET A 313 27.97 21.78 6.79
C MET A 313 28.19 20.51 5.98
N GLY A 314 27.11 20.00 5.41
CA GLY A 314 27.18 18.78 4.61
C GLY A 314 27.81 17.60 5.32
N ALA A 315 27.67 17.56 6.65
CA ALA A 315 28.23 16.48 7.47
C ALA A 315 27.38 15.19 7.52
N VAL A 316 26.14 15.26 7.04
CA VAL A 316 25.23 14.10 7.15
C VAL A 316 25.21 13.24 5.89
N LYS A 317 25.58 11.96 5.99
CA LYS A 317 25.43 11.09 4.81
C LYS A 317 24.01 10.56 4.63
N THR A 318 23.35 10.19 5.72
CA THR A 318 21.96 9.78 5.61
C THR A 318 21.09 10.34 6.73
N LEU A 319 19.97 10.92 6.33
CA LEU A 319 18.96 11.42 7.26
C LEU A 319 17.85 10.40 7.41
N LEU A 320 17.61 9.95 8.63
CA LEU A 320 16.53 9.00 8.91
C LEU A 320 15.35 9.77 9.48
N ILE A 321 14.21 9.70 8.79
CA ILE A 321 13.04 10.46 9.22
C ILE A 321 11.82 9.58 9.34
N HIS A 322 11.27 9.50 10.55
CA HIS A 322 10.04 8.76 10.80
C HIS A 322 8.86 9.40 10.04
N GLU A 323 8.09 8.58 9.34
CA GLU A 323 7.02 9.08 8.48
C GLU A 323 5.90 9.83 9.20
N SER A 324 5.77 9.66 10.51
CA SER A 324 4.71 10.36 11.23
C SER A 324 5.06 11.81 11.59
N ARG A 325 6.27 12.24 11.25
CA ARG A 325 6.65 13.63 11.47
C ARG A 325 5.95 14.58 10.50
N GLU A 326 5.27 15.58 11.05
CA GLU A 326 4.55 16.54 10.24
C GLU A 326 5.52 17.35 9.38
N ASP A 327 6.68 17.70 9.95
CA ASP A 327 7.70 18.45 9.22
C ASP A 327 8.50 17.58 8.24
N LEU A 328 8.06 16.34 8.04
CA LEU A 328 8.80 15.39 7.21
C LEU A 328 9.42 16.02 5.94
N GLU A 329 8.60 16.68 5.15
CA GLU A 329 9.05 17.14 3.85
C GLU A 329 10.08 18.26 3.98
N GLU A 330 9.95 19.05 5.04
CA GLU A 330 10.91 20.12 5.29
C GLU A 330 12.30 19.54 5.42
N TRP A 331 12.45 18.53 6.28
CA TRP A 331 13.72 17.84 6.40
C TRP A 331 14.19 17.20 5.09
N VAL A 332 13.25 16.76 4.26
CA VAL A 332 13.59 16.24 2.93
C VAL A 332 14.23 17.30 2.06
N GLU A 333 13.59 18.45 1.97
CA GLU A 333 14.14 19.58 1.23
C GLU A 333 15.54 19.88 1.76
N LYS A 334 15.64 20.09 3.07
CA LYS A 334 16.92 20.40 3.71
C LYS A 334 17.96 19.34 3.37
N ALA A 335 17.54 18.08 3.22
CA ALA A 335 18.46 16.98 2.88
C ALA A 335 18.82 16.95 1.39
N LYS A 336 17.88 17.37 0.54
CA LYS A 336 18.19 17.72 -0.83
C LYS A 336 19.03 18.97 -0.71
N SER A 337 20.21 18.97 -1.31
CA SER A 337 21.22 19.91 -0.87
C SER A 337 21.49 19.55 0.58
N SER A 338 22.67 19.91 1.08
CA SER A 338 23.23 19.30 2.27
C SER A 338 23.80 17.97 1.83
N GLY A 339 23.42 17.55 0.63
CA GLY A 339 23.86 16.30 0.03
C GLY A 339 23.65 15.06 0.89
N ALA A 340 22.51 14.97 1.59
CA ALA A 340 22.22 13.80 2.42
C ALA A 340 21.18 12.87 1.78
N GLN A 341 21.40 11.58 1.89
CA GLN A 341 20.38 10.64 1.47
C GLN A 341 19.29 10.54 2.51
N VAL A 342 18.05 10.56 2.04
CA VAL A 342 16.91 10.46 2.93
C VAL A 342 16.43 9.03 3.00
N ILE A 343 16.30 8.52 4.22
CA ILE A 343 15.61 7.27 4.48
C ILE A 343 14.35 7.60 5.31
N VAL A 344 13.19 7.42 4.70
CA VAL A 344 11.97 7.58 5.47
C VAL A 344 11.66 6.28 6.23
N VAL A 345 11.52 6.38 7.54
CA VAL A 345 11.26 5.21 8.37
C VAL A 345 9.76 4.96 8.52
N PRO A 346 9.28 3.86 7.93
CA PRO A 346 7.82 3.62 8.00
C PRO A 346 7.42 3.22 9.41
N GLU A 347 6.18 3.50 9.77
CA GLU A 347 5.63 3.18 11.08
C GLU A 347 5.69 1.68 11.36
N SER A 348 5.69 0.89 10.27
CA SER A 348 5.68 -0.57 10.36
C SER A 348 7.08 -1.19 10.54
N LEU A 349 8.11 -0.38 10.37
CA LEU A 349 9.46 -0.85 10.59
C LEU A 349 9.61 -1.28 12.05
N ALA A 350 10.32 -2.38 12.28
CA ALA A 350 10.39 -2.95 13.63
C ALA A 350 10.82 -1.95 14.70
N GLU A 351 11.89 -1.20 14.41
CA GLU A 351 12.42 -0.23 15.36
C GLU A 351 11.72 1.11 15.25
N ALA A 352 10.69 1.21 14.39
CA ALA A 352 10.10 2.52 14.12
C ALA A 352 9.61 3.21 15.39
N GLU A 353 8.87 2.49 16.22
CA GLU A 353 8.31 3.11 17.41
C GLU A 353 9.39 3.52 18.43
N TRP A 354 10.42 2.70 18.55
CA TRP A 354 11.55 3.01 19.39
C TRP A 354 12.26 4.28 18.91
N PHE A 355 12.53 4.31 17.59
CA PHE A 355 13.14 5.45 16.92
C PHE A 355 12.37 6.75 17.16
N LEU A 356 11.05 6.67 17.02
CA LEU A 356 10.19 7.81 17.25
C LEU A 356 10.17 8.21 18.73
N LYS A 357 10.21 7.23 19.63
CA LYS A 357 10.12 7.53 21.06
C LYS A 357 11.43 8.11 21.56
N THR A 358 12.55 7.53 21.15
CA THR A 358 13.78 7.92 21.78
C THR A 358 14.52 9.06 21.07
N PHE A 359 14.19 9.30 19.79
CA PHE A 359 14.84 10.34 19.01
C PHE A 359 13.86 11.26 18.29
N GLY A 360 12.60 11.19 18.69
CA GLY A 360 11.56 11.99 18.06
C GLY A 360 11.45 11.69 16.58
N GLY A 361 11.92 10.52 16.17
CA GLY A 361 11.83 10.13 14.77
C GLY A 361 12.65 11.02 13.83
N LEU A 362 13.79 11.50 14.31
CA LEU A 362 14.72 12.29 13.48
C LEU A 362 16.17 12.06 13.92
N ALA A 363 16.98 11.52 13.02
CA ALA A 363 18.41 11.36 13.33
C ALA A 363 19.21 11.24 12.05
N GLY A 364 20.52 11.51 12.14
CA GLY A 364 21.39 11.42 10.99
C GLY A 364 22.57 10.52 11.24
N ILE A 365 23.00 9.82 10.22
CA ILE A 365 24.31 9.19 10.25
C ILE A 365 25.30 10.16 9.56
N LEU A 366 26.39 10.48 10.25
CA LEU A 366 27.37 11.43 9.75
C LEU A 366 28.42 10.79 8.84
N ARG A 367 28.95 11.56 7.90
CA ARG A 367 30.10 11.07 7.14
C ARG A 367 31.39 11.47 7.85
N PHE A 368 31.27 12.46 8.73
CA PHE A 368 32.30 12.74 9.71
C PHE A 368 31.69 13.48 10.90
#